data_7A11
#
_entry.id   7A11
#
_cell.length_a   50.563
_cell.length_b   74.552
_cell.length_c   67.253
_cell.angle_alpha   90.000
_cell.angle_beta   111.780
_cell.angle_gamma   90.000
#
_symmetry.space_group_name_H-M   'P 1 21 1'
#
loop_
_entity.id
_entity.type
_entity.pdbx_description
1 polymer 'L,D-transpeptidase 2'
2 non-polymer propane-1-thiol
3 non-polymer 'ACETATE ION'
4 water water
#
_entity_poly.entity_id   1
_entity_poly.type   'polypeptide(L)'
_entity_poly.pdbx_seq_one_letter_code
;HLTMPYVMPGDGEVVGVGEPVAIRFDENIADRGAAEKAIKITTNPPVEGAFYWLNNREVRWRPEHFWKPGTAVDVAVNTY
GVDLGEGMFGEDNVQTHFTIGDEVIATADDNTKILTVRVNGEVVKSMPTSMGKDSTPTANGIYIVGSRYKHIIMDSSTYG
VPVNSPNGYRTDVDWATQISYSGVFVHSAPWSVGAQGHTNTSHGCLNVSPSNAQWFYDHVKRGDIVEVVNTVGGTLPGID
GLGDWNIPWDQWRAGNAKA
;
_entity_poly.pdbx_strand_id   A,B
#
# COMPACT_ATOMS: atom_id res chain seq x y z
N HIS A 1 0.56 -9.21 17.40
CA HIS A 1 -0.81 -9.83 17.35
C HIS A 1 -1.81 -8.97 16.54
N LEU A 2 -1.34 -7.90 15.93
CA LEU A 2 -2.09 -7.13 14.98
C LEU A 2 -1.41 -7.20 13.60
N THR A 3 -2.19 -7.37 12.52
CA THR A 3 -1.60 -7.29 11.16
C THR A 3 -2.42 -6.41 10.24
N MET A 4 -1.73 -5.66 9.41
CA MET A 4 -2.32 -4.69 8.53
C MET A 4 -2.27 -5.19 7.12
N PRO A 5 -3.42 -5.22 6.43
CA PRO A 5 -3.43 -5.58 5.04
C PRO A 5 -3.16 -4.37 4.14
N TYR A 6 -2.65 -4.62 2.97
CA TYR A 6 -2.47 -3.59 1.95
C TYR A 6 -2.88 -4.22 0.63
N VAL A 7 -3.75 -3.56 -0.14
CA VAL A 7 -4.18 -4.09 -1.38
C VAL A 7 -3.56 -3.40 -2.63
N MET A 8 -3.14 -4.15 -3.65
N MET A 8 -3.18 -4.18 -3.63
CA MET A 8 -2.78 -3.58 -4.96
CA MET A 8 -2.79 -3.63 -4.92
C MET A 8 -3.58 -4.32 -6.01
C MET A 8 -3.64 -4.32 -5.98
N PRO A 9 -3.91 -3.66 -7.12
CA PRO A 9 -3.61 -2.25 -7.42
C PRO A 9 -4.36 -1.25 -6.53
N GLY A 10 -3.95 0.04 -6.61
CA GLY A 10 -4.60 1.01 -5.76
C GLY A 10 -5.95 1.44 -6.30
N ASP A 11 -6.68 2.06 -5.41
CA ASP A 11 -8.00 2.57 -5.67
C ASP A 11 -8.00 3.54 -6.87
N GLY A 12 -8.87 3.27 -7.83
CA GLY A 12 -8.98 4.12 -9.00
C GLY A 12 -8.06 3.86 -10.13
N GLU A 13 -7.08 2.97 -9.95
CA GLU A 13 -6.15 2.60 -10.98
C GLU A 13 -6.79 1.92 -12.15
N VAL A 14 -6.18 2.13 -13.28
CA VAL A 14 -6.44 1.35 -14.50
C VAL A 14 -5.22 0.48 -14.78
N VAL A 15 -5.45 -0.82 -14.91
CA VAL A 15 -4.34 -1.77 -15.05
C VAL A 15 -4.57 -2.66 -16.23
N GLY A 16 -3.53 -3.40 -16.64
CA GLY A 16 -3.52 -4.27 -17.72
C GLY A 16 -4.24 -5.62 -17.46
N VAL A 17 -4.42 -6.39 -18.50
CA VAL A 17 -5.19 -7.61 -18.42
C VAL A 17 -4.54 -8.75 -17.62
N GLY A 18 -3.29 -8.57 -17.31
CA GLY A 18 -2.60 -9.55 -16.49
C GLY A 18 -2.50 -9.24 -15.01
N GLU A 19 -3.02 -8.12 -14.53
CA GLU A 19 -2.83 -7.73 -13.16
C GLU A 19 -3.64 -8.58 -12.17
N PRO A 20 -3.00 -9.31 -11.29
CA PRO A 20 -3.74 -9.99 -10.27
C PRO A 20 -4.11 -9.00 -9.19
N VAL A 21 -5.14 -9.33 -8.41
CA VAL A 21 -5.36 -8.66 -7.13
C VAL A 21 -4.35 -9.17 -6.16
N ALA A 22 -3.73 -8.28 -5.42
CA ALA A 22 -2.73 -8.69 -4.38
C ALA A 22 -3.14 -8.16 -3.04
N ILE A 23 -3.12 -9.02 -2.01
CA ILE A 23 -3.39 -8.59 -0.65
C ILE A 23 -2.19 -9.01 0.13
N ARG A 24 -1.47 -8.01 0.64
CA ARG A 24 -0.19 -8.18 1.30
C ARG A 24 -0.42 -7.83 2.76
N PHE A 25 0.04 -8.68 3.66
CA PHE A 25 -0.07 -8.46 5.05
C PHE A 25 1.33 -8.19 5.62
N ASP A 26 1.41 -7.47 6.77
CA ASP A 26 2.73 -7.11 7.29
C ASP A 26 3.23 -8.11 8.30
N GLU A 27 2.47 -9.16 8.57
CA GLU A 27 2.94 -10.29 9.42
C GLU A 27 2.57 -11.61 8.71
N ASN A 28 3.23 -12.72 9.08
CA ASN A 28 2.93 -14.01 8.41
C ASN A 28 1.54 -14.43 8.83
N ILE A 29 0.75 -15.00 7.90
CA ILE A 29 -0.63 -15.33 8.13
C ILE A 29 -0.65 -16.83 8.45
N ALA A 30 -0.98 -17.14 9.68
CA ALA A 30 -0.99 -18.53 10.12
C ALA A 30 -2.19 -19.29 9.63
N ASP A 31 -3.30 -18.62 9.33
CA ASP A 31 -4.47 -19.36 8.85
C ASP A 31 -4.86 -18.72 7.54
N ARG A 32 -4.34 -19.30 6.46
CA ARG A 32 -4.54 -18.70 5.11
C ARG A 32 -6.00 -18.71 4.77
N GLY A 33 -6.70 -19.79 5.16
CA GLY A 33 -8.14 -19.88 4.83
C GLY A 33 -8.95 -18.81 5.50
N ALA A 34 -8.59 -18.47 6.74
CA ALA A 34 -9.21 -17.37 7.45
C ALA A 34 -9.10 -16.09 6.62
N ALA A 35 -7.88 -15.84 6.12
CA ALA A 35 -7.64 -14.63 5.26
C ALA A 35 -8.48 -14.67 4.03
N GLU A 36 -8.45 -15.81 3.34
CA GLU A 36 -9.20 -15.91 2.06
C GLU A 36 -10.69 -15.63 2.29
N LYS A 37 -11.26 -16.20 3.38
CA LYS A 37 -12.67 -16.08 3.69
C LYS A 37 -13.09 -14.61 3.94
N ALA A 38 -12.13 -13.81 4.33
CA ALA A 38 -12.39 -12.41 4.70
C ALA A 38 -12.19 -11.51 3.53
N ILE A 39 -11.80 -12.04 2.35
CA ILE A 39 -11.57 -11.19 1.19
C ILE A 39 -12.59 -11.46 0.11
N LYS A 40 -13.39 -10.46 -0.25
CA LYS A 40 -14.46 -10.63 -1.17
C LYS A 40 -14.18 -9.77 -2.43
N ILE A 41 -14.08 -10.47 -3.54
CA ILE A 41 -13.79 -9.80 -4.82
C ILE A 41 -15.01 -9.84 -5.74
N THR A 42 -15.45 -8.67 -6.17
CA THR A 42 -16.58 -8.52 -7.05
C THR A 42 -16.08 -8.10 -8.43
N THR A 43 -16.64 -8.72 -9.47
CA THR A 43 -16.24 -8.41 -10.82
C THR A 43 -17.41 -8.09 -11.69
N ASN A 44 -17.19 -7.16 -12.63
CA ASN A 44 -18.25 -6.82 -13.58
C ASN A 44 -17.61 -6.48 -14.92
N PRO A 45 -17.78 -7.33 -15.95
CA PRO A 45 -18.60 -8.56 -16.00
C PRO A 45 -18.09 -9.62 -15.04
N PRO A 46 -18.99 -10.38 -14.46
CA PRO A 46 -18.54 -11.40 -13.49
C PRO A 46 -17.70 -12.52 -14.09
N VAL A 47 -16.59 -12.85 -13.42
CA VAL A 47 -15.76 -13.94 -13.85
C VAL A 47 -15.29 -14.69 -12.63
N GLU A 48 -15.09 -15.98 -12.76
CA GLU A 48 -14.52 -16.80 -11.68
C GLU A 48 -13.06 -16.42 -11.46
N GLY A 49 -12.66 -16.39 -10.18
CA GLY A 49 -11.24 -16.30 -9.90
C GLY A 49 -10.95 -17.08 -8.63
N ALA A 50 -9.71 -17.14 -8.27
CA ALA A 50 -9.27 -17.94 -7.13
C ALA A 50 -8.02 -17.35 -6.53
N PHE A 51 -7.79 -17.69 -5.25
CA PHE A 51 -6.64 -17.26 -4.50
C PHE A 51 -5.50 -18.26 -4.58
N TYR A 52 -4.30 -17.73 -4.51
CA TYR A 52 -3.08 -18.47 -4.44
C TYR A 52 -2.03 -17.63 -3.75
N TRP A 53 -1.37 -18.20 -2.76
CA TRP A 53 -0.36 -17.54 -1.98
C TRP A 53 1.02 -17.56 -2.58
N LEU A 54 1.63 -16.38 -2.69
CA LEU A 54 3.01 -16.29 -3.19
C LEU A 54 4.04 -16.61 -2.14
N ASN A 55 3.69 -16.31 -0.90
CA ASN A 55 4.54 -16.50 0.26
C ASN A 55 3.61 -16.37 1.47
N ASN A 56 4.18 -16.34 2.67
CA ASN A 56 3.36 -16.30 3.86
C ASN A 56 2.62 -15.01 4.17
N ARG A 57 2.98 -13.95 3.43
CA ARG A 57 2.46 -12.64 3.64
C ARG A 57 1.60 -12.12 2.54
N GLU A 58 1.57 -12.76 1.40
CA GLU A 58 0.90 -12.19 0.22
C GLU A 58 0.06 -13.25 -0.49
N VAL A 59 -1.19 -12.91 -0.73
CA VAL A 59 -2.07 -13.76 -1.52
C VAL A 59 -2.46 -13.02 -2.75
N ARG A 60 -2.61 -13.78 -3.82
CA ARG A 60 -2.99 -13.22 -5.12
C ARG A 60 -4.35 -13.83 -5.56
N TRP A 61 -5.14 -13.05 -6.31
CA TRP A 61 -6.36 -13.56 -6.90
C TRP A 61 -6.43 -13.15 -8.35
N ARG A 62 -6.77 -14.13 -9.19
CA ARG A 62 -6.95 -13.84 -10.60
C ARG A 62 -7.89 -14.85 -11.21
N PRO A 63 -8.37 -14.55 -12.41
CA PRO A 63 -9.16 -15.52 -13.14
C PRO A 63 -8.28 -16.53 -13.91
N GLU A 64 -8.99 -17.45 -14.58
CA GLU A 64 -8.38 -18.48 -15.37
C GLU A 64 -7.59 -17.88 -16.55
N HIS A 65 -8.22 -16.90 -17.18
CA HIS A 65 -7.63 -16.20 -18.31
C HIS A 65 -7.35 -14.78 -17.96
N PHE A 66 -6.59 -14.08 -18.84
CA PHE A 66 -6.41 -12.66 -18.70
C PHE A 66 -7.78 -11.97 -18.62
N TRP A 67 -7.82 -10.88 -17.86
CA TRP A 67 -8.99 -10.14 -17.66
C TRP A 67 -9.57 -9.63 -18.98
N LYS A 68 -10.91 -9.56 -19.09
CA LYS A 68 -11.48 -8.84 -20.21
C LYS A 68 -11.32 -7.34 -20.05
N PRO A 69 -10.77 -6.62 -21.04
CA PRO A 69 -10.69 -5.20 -20.92
C PRO A 69 -12.04 -4.54 -20.54
N GLY A 70 -11.95 -3.51 -19.73
CA GLY A 70 -13.08 -2.82 -19.22
C GLY A 70 -13.76 -3.44 -18.00
N THR A 71 -13.29 -4.59 -17.55
CA THR A 71 -13.80 -5.17 -16.31
C THR A 71 -13.55 -4.25 -15.12
N ALA A 72 -14.53 -4.14 -14.26
CA ALA A 72 -14.47 -3.36 -13.05
C ALA A 72 -14.38 -4.31 -11.90
N VAL A 73 -13.42 -4.06 -11.04
CA VAL A 73 -13.09 -4.99 -9.94
C VAL A 73 -13.23 -4.22 -8.63
N ASP A 74 -13.89 -4.84 -7.65
CA ASP A 74 -14.00 -4.26 -6.28
C ASP A 74 -13.45 -5.27 -5.32
N VAL A 75 -12.55 -4.82 -4.48
CA VAL A 75 -11.96 -5.71 -3.52
C VAL A 75 -12.34 -5.24 -2.14
N ALA A 76 -12.92 -6.14 -1.34
CA ALA A 76 -13.28 -5.80 0.02
C ALA A 76 -12.49 -6.73 0.96
N VAL A 77 -11.46 -6.20 1.58
CA VAL A 77 -10.66 -6.93 2.56
C VAL A 77 -11.27 -6.63 3.92
N ASN A 78 -12.10 -7.56 4.43
CA ASN A 78 -12.89 -7.35 5.63
C ASN A 78 -12.20 -8.03 6.80
N THR A 79 -10.98 -7.60 7.07
CA THR A 79 -10.13 -8.22 8.06
C THR A 79 -10.10 -7.54 9.46
N TYR A 80 -10.79 -6.41 9.63
CA TYR A 80 -10.85 -5.73 10.93
C TYR A 80 -11.42 -6.64 11.98
N GLY A 81 -10.62 -6.96 12.97
CA GLY A 81 -11.09 -7.78 14.04
C GLY A 81 -11.09 -9.27 13.79
N VAL A 82 -10.66 -9.68 12.60
CA VAL A 82 -10.74 -11.11 12.21
C VAL A 82 -9.50 -11.84 12.70
N ASP A 83 -9.70 -13.01 13.32
CA ASP A 83 -8.62 -13.86 13.73
C ASP A 83 -7.98 -14.53 12.52
N LEU A 84 -6.74 -14.21 12.27
CA LEU A 84 -5.96 -14.71 11.14
C LEU A 84 -5.01 -15.84 11.59
N GLY A 85 -5.24 -16.35 12.77
CA GLY A 85 -4.56 -17.52 13.27
C GLY A 85 -3.54 -17.16 14.32
N GLU A 86 -3.47 -18.02 15.34
CA GLU A 86 -2.53 -17.78 16.44
C GLU A 86 -2.68 -16.41 17.12
N GLY A 87 -3.93 -16.00 17.27
CA GLY A 87 -4.28 -14.78 17.98
C GLY A 87 -3.81 -13.52 17.31
N MET A 88 -3.55 -13.58 15.99
CA MET A 88 -3.19 -12.39 15.22
C MET A 88 -4.46 -11.86 14.57
N PHE A 89 -4.78 -10.58 14.79
CA PHE A 89 -6.05 -10.03 14.38
C PHE A 89 -5.80 -8.98 13.34
N GLY A 90 -6.74 -8.87 12.41
CA GLY A 90 -6.61 -7.87 11.36
C GLY A 90 -6.87 -6.49 11.96
N GLU A 91 -6.05 -5.55 11.52
CA GLU A 91 -6.02 -4.21 12.14
C GLU A 91 -7.05 -3.30 11.52
N ASP A 92 -7.42 -3.56 10.27
CA ASP A 92 -8.31 -2.66 9.51
C ASP A 92 -8.87 -3.42 8.34
N ASN A 93 -9.85 -2.83 7.67
CA ASN A 93 -10.34 -3.27 6.40
C ASN A 93 -9.70 -2.47 5.29
N VAL A 94 -9.75 -2.96 4.07
CA VAL A 94 -9.37 -2.21 2.89
C VAL A 94 -10.40 -2.41 1.84
N GLN A 95 -10.67 -1.37 1.05
CA GLN A 95 -11.64 -1.46 0.01
C GLN A 95 -11.06 -0.72 -1.18
N THR A 96 -10.83 -1.43 -2.29
CA THR A 96 -10.26 -0.86 -3.49
C THR A 96 -11.11 -1.18 -4.69
N HIS A 97 -11.20 -0.25 -5.61
CA HIS A 97 -11.88 -0.43 -6.86
C HIS A 97 -10.91 -0.10 -7.95
N PHE A 98 -10.85 -0.91 -8.98
CA PHE A 98 -9.94 -0.62 -10.12
C PHE A 98 -10.56 -1.18 -11.33
N THR A 99 -10.01 -0.82 -12.48
CA THR A 99 -10.55 -1.22 -13.74
C THR A 99 -9.46 -1.74 -14.67
N ILE A 100 -9.85 -2.62 -15.57
CA ILE A 100 -9.02 -3.21 -16.56
C ILE A 100 -9.01 -2.33 -17.82
N GLY A 101 -7.80 -1.92 -18.24
CA GLY A 101 -7.75 -1.08 -19.45
C GLY A 101 -7.59 -1.94 -20.69
N ASP A 102 -7.00 -1.33 -21.72
CA ASP A 102 -6.80 -2.02 -23.00
C ASP A 102 -5.95 -3.29 -22.86
N GLU A 103 -6.21 -4.26 -23.69
CA GLU A 103 -5.39 -5.48 -23.79
C GLU A 103 -4.04 -5.16 -24.46
N VAL A 104 -2.96 -5.30 -23.73
CA VAL A 104 -1.63 -5.01 -24.31
C VAL A 104 -0.79 -6.24 -24.02
N ILE A 105 -0.45 -6.97 -25.09
CA ILE A 105 0.34 -8.18 -24.99
C ILE A 105 1.52 -8.05 -25.94
N ALA A 106 2.73 -8.12 -25.37
CA ALA A 106 3.93 -8.06 -26.16
C ALA A 106 4.62 -9.38 -26.10
N THR A 107 4.94 -9.93 -27.28
CA THR A 107 5.57 -11.21 -27.36
C THR A 107 6.98 -11.10 -27.91
N ALA A 108 7.95 -11.67 -27.20
CA ALA A 108 9.31 -11.71 -27.61
C ALA A 108 9.63 -13.12 -28.05
N ASP A 109 9.92 -13.29 -29.33
CA ASP A 109 10.15 -14.62 -29.89
C ASP A 109 11.61 -14.78 -30.21
N ASP A 110 12.29 -15.70 -29.57
CA ASP A 110 13.70 -15.91 -29.81
C ASP A 110 14.07 -16.43 -31.23
N ASN A 111 13.13 -17.07 -31.89
CA ASN A 111 13.37 -17.55 -33.26
C ASN A 111 13.41 -16.37 -34.27
N THR A 112 12.64 -15.31 -34.01
CA THR A 112 12.70 -14.09 -34.84
C THR A 112 13.51 -12.92 -34.26
N LYS A 113 13.78 -12.95 -32.95
CA LYS A 113 14.36 -11.85 -32.23
C LYS A 113 13.62 -10.55 -32.41
N ILE A 114 12.28 -10.61 -32.44
CA ILE A 114 11.42 -9.46 -32.50
C ILE A 114 10.48 -9.53 -31.25
N LEU A 115 10.31 -8.37 -30.65
CA LEU A 115 9.28 -8.14 -29.64
C LEU A 115 8.14 -7.43 -30.30
N THR A 116 7.00 -8.13 -30.42
CA THR A 116 5.83 -7.53 -31.13
C THR A 116 4.82 -7.07 -30.10
N VAL A 117 4.36 -5.84 -30.17
CA VAL A 117 3.39 -5.33 -29.23
C VAL A 117 2.03 -5.25 -29.89
N ARG A 118 1.07 -6.00 -29.38
CA ARG A 118 -0.34 -5.95 -29.86
C ARG A 118 -1.23 -5.25 -28.83
N VAL A 119 -2.12 -4.40 -29.34
CA VAL A 119 -3.03 -3.65 -28.53
C VAL A 119 -4.40 -4.01 -29.04
N ASN A 120 -5.22 -4.62 -28.16
CA ASN A 120 -6.55 -5.15 -28.51
C ASN A 120 -6.47 -5.97 -29.80
N GLY A 121 -5.44 -6.84 -29.90
CA GLY A 121 -5.22 -7.66 -31.07
C GLY A 121 -4.43 -7.15 -32.28
N GLU A 122 -4.17 -5.85 -32.33
CA GLU A 122 -3.56 -5.22 -33.50
C GLU A 122 -2.06 -4.94 -33.18
N VAL A 123 -1.17 -5.32 -34.09
CA VAL A 123 0.26 -4.95 -33.97
C VAL A 123 0.42 -3.44 -34.06
N VAL A 124 1.03 -2.87 -33.05
CA VAL A 124 1.32 -1.46 -33.02
C VAL A 124 2.80 -1.17 -33.11
N LYS A 125 3.60 -2.12 -32.65
CA LYS A 125 5.05 -2.03 -32.75
C LYS A 125 5.67 -3.38 -32.97
N SER A 126 6.77 -3.38 -33.74
CA SER A 126 7.58 -4.61 -33.98
C SER A 126 9.03 -4.19 -33.66
N MET A 127 9.56 -4.67 -32.55
CA MET A 127 10.83 -4.15 -32.03
C MET A 127 11.87 -5.21 -32.11
N PRO A 128 12.96 -4.96 -32.84
CA PRO A 128 14.05 -5.91 -32.76
C PRO A 128 14.58 -6.01 -31.36
N THR A 129 14.99 -7.19 -30.91
CA THR A 129 15.41 -7.28 -29.55
C THR A 129 16.62 -8.17 -29.44
N SER A 130 17.38 -7.98 -28.37
CA SER A 130 18.50 -8.80 -28.02
C SER A 130 18.23 -9.28 -26.59
N MET A 131 18.14 -10.58 -26.41
CA MET A 131 17.76 -11.19 -25.13
C MET A 131 18.95 -11.85 -24.49
N GLY A 132 18.74 -12.65 -23.43
CA GLY A 132 19.85 -13.23 -22.69
C GLY A 132 20.74 -14.10 -23.56
N LYS A 133 22.06 -13.93 -23.44
CA LYS A 133 23.01 -14.81 -24.13
C LYS A 133 22.83 -16.25 -23.63
N ASP A 134 23.32 -17.27 -24.37
CA ASP A 134 23.08 -18.64 -23.98
C ASP A 134 23.47 -19.00 -22.53
N SER A 135 24.53 -18.41 -21.98
CA SER A 135 24.93 -18.71 -20.63
C SER A 135 24.07 -18.06 -19.55
N THR A 136 23.34 -17.01 -19.91
CA THR A 136 22.45 -16.27 -19.01
C THR A 136 21.12 -15.99 -19.81
N PRO A 137 20.42 -17.05 -20.19
CA PRO A 137 19.28 -16.84 -21.11
C PRO A 137 18.06 -16.23 -20.42
N THR A 138 17.20 -15.58 -21.18
CA THR A 138 15.92 -15.16 -20.71
C THR A 138 14.96 -16.33 -20.58
N ALA A 139 14.29 -16.50 -19.42
CA ALA A 139 13.36 -17.60 -19.25
C ALA A 139 12.13 -17.39 -20.13
N ASN A 140 11.65 -18.45 -20.74
CA ASN A 140 10.36 -18.39 -21.39
C ASN A 140 9.24 -18.21 -20.35
N GLY A 141 8.12 -17.64 -20.78
CA GLY A 141 6.97 -17.57 -19.98
C GLY A 141 6.19 -16.28 -20.12
N ILE A 142 5.27 -16.10 -19.19
CA ILE A 142 4.35 -15.00 -19.14
C ILE A 142 4.83 -14.16 -18.00
N TYR A 143 5.11 -12.90 -18.29
CA TYR A 143 5.56 -11.91 -17.30
C TYR A 143 4.52 -10.79 -17.20
N ILE A 144 4.24 -10.39 -15.97
CA ILE A 144 3.38 -9.24 -15.76
C ILE A 144 4.23 -7.98 -15.68
N VAL A 145 3.84 -6.94 -16.40
CA VAL A 145 4.51 -5.65 -16.25
C VAL A 145 4.31 -5.01 -14.90
N GLY A 146 5.42 -4.59 -14.30
CA GLY A 146 5.44 -3.87 -13.03
C GLY A 146 5.75 -2.42 -13.13
N SER A 147 6.74 -1.99 -12.36
CA SER A 147 7.14 -0.60 -12.31
C SER A 147 7.94 -0.18 -13.57
N ARG A 148 8.09 1.13 -13.75
CA ARG A 148 8.86 1.69 -14.85
C ARG A 148 9.82 2.75 -14.26
N TYR A 149 10.97 2.87 -14.87
CA TYR A 149 12.05 3.79 -14.42
C TYR A 149 12.67 4.54 -15.56
N LYS A 150 12.71 5.87 -15.47
CA LYS A 150 13.41 6.61 -16.53
C LYS A 150 14.88 6.26 -16.58
N HIS A 151 15.45 6.01 -15.42
CA HIS A 151 16.86 5.61 -15.36
C HIS A 151 17.01 4.76 -14.18
N ILE A 152 17.82 3.71 -14.27
CA ILE A 152 18.05 2.87 -13.15
C ILE A 152 19.44 2.24 -13.28
N ILE A 153 20.03 1.90 -12.16
CA ILE A 153 21.26 1.13 -12.11
C ILE A 153 20.81 -0.30 -11.87
N MET A 154 21.00 -1.18 -12.85
CA MET A 154 20.72 -2.59 -12.61
C MET A 154 22.01 -3.18 -12.01
N ASP A 155 21.95 -3.55 -10.73
CA ASP A 155 23.12 -3.98 -10.00
C ASP A 155 22.77 -5.34 -9.40
N SER A 156 23.47 -6.40 -9.81
CA SER A 156 23.21 -7.71 -9.27
C SER A 156 23.31 -7.81 -7.73
N SER A 157 24.05 -6.93 -7.07
CA SER A 157 24.16 -7.04 -5.63
C SER A 157 22.82 -6.66 -4.98
N THR A 158 21.90 -5.98 -5.70
CA THR A 158 20.53 -5.83 -5.23
C THR A 158 19.93 -7.16 -4.84
N TYR A 159 20.31 -8.22 -5.59
CA TYR A 159 19.78 -9.58 -5.40
C TYR A 159 20.74 -10.52 -4.71
N GLY A 160 21.71 -9.96 -3.99
CA GLY A 160 22.69 -10.75 -3.25
C GLY A 160 23.72 -11.43 -4.13
N VAL A 161 23.94 -10.95 -5.35
CA VAL A 161 24.93 -11.57 -6.28
C VAL A 161 26.05 -10.56 -6.52
N PRO A 162 27.25 -10.84 -6.04
CA PRO A 162 28.35 -9.86 -6.25
C PRO A 162 28.62 -9.51 -7.69
N VAL A 163 28.82 -8.22 -7.98
CA VAL A 163 29.03 -7.78 -9.35
C VAL A 163 30.17 -8.54 -10.03
N ASN A 164 31.29 -8.74 -9.34
CA ASN A 164 32.44 -9.42 -9.92
C ASN A 164 32.42 -10.90 -9.47
N SER A 165 31.38 -11.54 -9.93
CA SER A 165 31.19 -12.96 -9.75
C SER A 165 30.45 -13.47 -10.98
N PRO A 166 30.37 -14.79 -11.16
CA PRO A 166 29.88 -15.37 -12.43
C PRO A 166 28.52 -14.83 -12.89
N ASN A 167 27.59 -14.67 -11.96
CA ASN A 167 26.19 -14.30 -12.30
C ASN A 167 26.02 -12.78 -12.13
N GLY A 168 27.12 -12.06 -11.91
CA GLY A 168 27.01 -10.61 -11.57
C GLY A 168 26.93 -9.68 -12.73
N TYR A 169 26.46 -8.48 -12.45
CA TYR A 169 26.35 -7.44 -13.45
C TYR A 169 26.15 -6.13 -12.78
N ARG A 170 26.45 -5.07 -13.52
CA ARG A 170 26.13 -3.71 -13.14
C ARG A 170 26.08 -2.84 -14.38
N THR A 171 24.91 -2.25 -14.65
CA THR A 171 24.75 -1.50 -15.87
C THR A 171 23.79 -0.32 -15.50
N ASP A 172 24.11 0.86 -15.98
CA ASP A 172 23.18 2.01 -15.89
C ASP A 172 22.36 1.98 -17.14
N VAL A 173 21.01 2.04 -17.04
CA VAL A 173 20.15 1.97 -18.24
C VAL A 173 19.01 2.96 -18.20
N ASP A 174 18.61 3.40 -19.37
CA ASP A 174 17.46 4.28 -19.42
C ASP A 174 16.18 3.44 -19.83
N TRP A 175 15.04 4.06 -19.58
CA TRP A 175 13.72 3.62 -20.07
C TRP A 175 13.50 2.17 -19.79
N ALA A 176 13.46 1.84 -18.50
CA ALA A 176 13.40 0.49 -18.04
C ALA A 176 12.03 0.10 -17.52
N THR A 177 11.46 -0.99 -18.06
CA THR A 177 10.15 -1.48 -17.64
C THR A 177 10.40 -2.84 -16.95
N GLN A 178 10.01 -2.91 -15.70
CA GLN A 178 10.24 -4.14 -14.91
CA GLN A 178 10.19 -4.14 -14.87
C GLN A 178 9.17 -5.18 -15.27
N ILE A 179 9.61 -6.42 -15.51
CA ILE A 179 8.75 -7.56 -15.86
C ILE A 179 8.92 -8.79 -14.97
N SER A 180 9.90 -8.74 -14.10
CA SER A 180 10.00 -9.74 -13.00
C SER A 180 10.60 -9.13 -11.76
N TYR A 181 10.20 -9.65 -10.59
CA TYR A 181 10.79 -9.21 -9.32
C TYR A 181 12.24 -9.70 -9.20
N SER A 182 12.58 -10.73 -9.96
CA SER A 182 13.99 -11.21 -9.98
C SER A 182 14.92 -10.28 -10.76
N GLY A 183 14.37 -9.26 -11.42
CA GLY A 183 15.23 -8.23 -12.07
C GLY A 183 15.31 -8.30 -13.57
N VAL A 184 14.30 -8.88 -14.23
CA VAL A 184 14.23 -8.81 -15.70
C VAL A 184 13.48 -7.53 -16.10
N PHE A 185 14.05 -6.83 -17.08
CA PHE A 185 13.51 -5.57 -17.61
C PHE A 185 13.50 -5.59 -19.11
N VAL A 186 12.61 -4.77 -19.71
CA VAL A 186 12.75 -4.28 -21.05
C VAL A 186 13.43 -2.91 -20.90
N HIS A 187 14.52 -2.68 -21.63
CA HIS A 187 15.22 -1.38 -21.49
C HIS A 187 15.96 -0.94 -22.73
N SER A 188 16.31 0.33 -22.70
CA SER A 188 17.16 0.88 -23.77
C SER A 188 18.56 0.28 -23.80
N ALA A 189 19.03 -0.11 -24.98
CA ALA A 189 20.40 -0.57 -25.13
C ALA A 189 21.00 -0.07 -26.45
N PRO A 190 21.42 1.21 -26.49
CA PRO A 190 21.98 1.78 -27.77
C PRO A 190 23.19 1.00 -28.22
N TRP A 191 23.89 0.39 -27.26
CA TRP A 191 25.11 -0.34 -27.55
C TRP A 191 24.88 -1.69 -28.26
N SER A 192 23.61 -2.17 -28.30
CA SER A 192 23.36 -3.48 -28.87
C SER A 192 22.41 -3.39 -29.97
N VAL A 193 22.26 -2.20 -30.58
CA VAL A 193 21.31 -2.00 -31.61
C VAL A 193 21.64 -2.86 -32.85
N GLY A 194 22.93 -3.01 -33.14
CA GLY A 194 23.35 -3.95 -34.24
C GLY A 194 22.89 -5.38 -33.97
N ALA A 195 23.06 -5.83 -32.74
CA ALA A 195 22.74 -7.21 -32.35
C ALA A 195 21.20 -7.44 -32.30
N GLN A 196 20.45 -6.41 -32.00
CA GLN A 196 19.01 -6.56 -31.85
C GLN A 196 18.45 -7.09 -33.15
N GLY A 197 17.66 -8.15 -33.05
CA GLY A 197 17.09 -8.81 -34.22
C GLY A 197 18.01 -9.91 -34.71
N HIS A 198 19.18 -10.11 -34.11
CA HIS A 198 20.19 -11.02 -34.64
C HIS A 198 20.81 -11.91 -33.63
N THR A 199 21.25 -11.34 -32.52
CA THR A 199 22.10 -12.01 -31.55
CA THR A 199 21.98 -12.11 -31.53
C THR A 199 21.70 -11.62 -30.12
N ASN A 200 21.67 -12.60 -29.22
CA ASN A 200 21.41 -12.37 -27.84
C ASN A 200 22.70 -12.02 -27.11
N THR A 201 22.63 -10.91 -26.37
CA THR A 201 23.80 -10.33 -25.72
C THR A 201 23.63 -10.02 -24.23
N SER A 202 22.41 -10.07 -23.67
CA SER A 202 22.14 -9.51 -22.31
C SER A 202 22.36 -10.54 -21.21
N HIS A 203 22.23 -10.17 -19.94
CA HIS A 203 22.20 -11.24 -18.92
C HIS A 203 20.81 -11.74 -18.65
N GLY A 204 19.85 -11.37 -19.49
CA GLY A 204 18.50 -11.88 -19.41
C GLY A 204 17.45 -10.83 -19.70
N CYS A 205 17.81 -9.56 -19.63
CA CYS A 205 16.91 -8.50 -20.00
C CYS A 205 16.64 -8.50 -21.49
N LEU A 206 15.53 -7.92 -21.85
CA LEU A 206 15.20 -7.69 -23.25
C LEU A 206 15.71 -6.29 -23.64
N ASN A 207 16.80 -6.25 -24.40
CA ASN A 207 17.39 -5.01 -24.91
C ASN A 207 16.67 -4.60 -26.20
N VAL A 208 16.20 -3.36 -26.25
CA VAL A 208 15.64 -2.75 -27.44
C VAL A 208 16.30 -1.40 -27.72
N SER A 209 15.92 -0.77 -28.82
CA SER A 209 16.46 0.54 -29.17
C SER A 209 16.00 1.60 -28.21
N PRO A 210 16.76 2.69 -28.12
CA PRO A 210 16.25 3.76 -27.25
C PRO A 210 14.84 4.25 -27.55
N SER A 211 14.51 4.52 -28.78
CA SER A 211 13.17 4.97 -29.09
C SER A 211 12.14 3.88 -28.77
N ASN A 212 12.50 2.61 -28.97
CA ASN A 212 11.50 1.56 -28.69
C ASN A 212 11.35 1.38 -27.17
N ALA A 213 12.43 1.51 -26.43
CA ALA A 213 12.34 1.41 -24.94
C ALA A 213 11.55 2.54 -24.37
N GLN A 214 11.77 3.76 -24.89
CA GLN A 214 10.97 4.88 -24.43
C GLN A 214 9.50 4.67 -24.79
N TRP A 215 9.22 4.14 -25.98
CA TRP A 215 7.85 3.88 -26.39
C TRP A 215 7.19 2.92 -25.41
N PHE A 216 7.93 1.88 -25.08
CA PHE A 216 7.48 0.86 -24.18
C PHE A 216 7.17 1.46 -22.80
N TYR A 217 8.08 2.28 -22.29
CA TYR A 217 7.95 2.98 -21.04
C TYR A 217 6.71 3.88 -21.03
N ASP A 218 6.46 4.54 -22.18
CA ASP A 218 5.36 5.47 -22.30
C ASP A 218 3.97 4.86 -22.47
N HIS A 219 3.90 3.70 -23.06
CA HIS A 219 2.63 3.15 -23.46
C HIS A 219 2.27 1.84 -22.83
N VAL A 220 3.20 1.13 -22.16
CA VAL A 220 2.86 -0.13 -21.54
C VAL A 220 2.72 0.17 -20.03
N LYS A 221 1.68 -0.35 -19.41
CA LYS A 221 1.30 -0.04 -18.07
C LYS A 221 1.33 -1.28 -17.16
N ARG A 222 1.29 -0.98 -15.88
CA ARG A 222 1.29 -2.03 -14.84
C ARG A 222 0.16 -3.00 -15.18
N GLY A 223 0.46 -4.30 -15.19
CA GLY A 223 -0.51 -5.33 -15.50
C GLY A 223 -0.59 -5.75 -16.94
N ASP A 224 0.10 -5.04 -17.85
CA ASP A 224 0.18 -5.47 -19.21
C ASP A 224 1.04 -6.71 -19.25
N ILE A 225 1.06 -7.41 -20.37
CA ILE A 225 1.72 -8.72 -20.44
C ILE A 225 2.90 -8.73 -21.43
N VAL A 226 4.01 -9.32 -21.02
CA VAL A 226 5.08 -9.70 -21.92
C VAL A 226 5.19 -11.21 -21.91
N GLU A 227 5.18 -11.83 -23.09
CA GLU A 227 5.41 -13.23 -23.21
C GLU A 227 6.74 -13.47 -23.93
N VAL A 228 7.58 -14.31 -23.36
CA VAL A 228 8.78 -14.73 -23.97
C VAL A 228 8.63 -16.15 -24.43
N VAL A 229 8.98 -16.42 -25.70
CA VAL A 229 8.90 -17.76 -26.25
C VAL A 229 10.13 -18.16 -27.04
N ASN A 230 10.36 -19.49 -27.08
CA ASN A 230 11.41 -20.11 -27.92
C ASN A 230 12.86 -19.88 -27.51
N THR A 231 13.12 -19.34 -26.30
CA THR A 231 14.46 -19.17 -25.84
C THR A 231 15.03 -20.48 -25.36
N VAL A 232 16.35 -20.52 -25.17
CA VAL A 232 16.98 -21.73 -24.63
C VAL A 232 16.91 -21.78 -23.13
N GLY A 233 16.19 -20.85 -22.50
CA GLY A 233 16.07 -20.81 -21.07
C GLY A 233 15.05 -21.76 -20.49
N GLY A 234 14.83 -21.65 -19.18
CA GLY A 234 13.76 -22.43 -18.52
C GLY A 234 12.54 -21.57 -18.49
N THR A 235 11.81 -21.58 -17.37
CA THR A 235 10.49 -20.92 -17.27
C THR A 235 10.46 -20.06 -16.08
N LEU A 236 9.88 -18.88 -16.22
CA LEU A 236 9.72 -17.96 -15.13
C LEU A 236 8.93 -18.61 -14.00
N PRO A 237 9.47 -18.55 -12.76
CA PRO A 237 8.76 -19.20 -11.66
C PRO A 237 7.42 -18.57 -11.42
N GLY A 238 6.43 -19.38 -11.15
CA GLY A 238 5.09 -18.90 -10.79
C GLY A 238 5.01 -17.97 -9.62
N ILE A 239 5.95 -18.11 -8.64
CA ILE A 239 5.96 -17.29 -7.47
C ILE A 239 7.02 -16.20 -7.49
N ASP A 240 7.47 -15.83 -8.70
CA ASP A 240 8.42 -14.68 -8.85
C ASP A 240 7.95 -13.43 -8.15
N GLY A 241 6.64 -13.10 -8.29
CA GLY A 241 6.02 -11.85 -7.89
C GLY A 241 5.26 -11.27 -9.10
N LEU A 242 5.82 -11.50 -10.26
CA LEU A 242 5.15 -11.13 -11.54
C LEU A 242 5.00 -12.31 -12.48
N GLY A 243 5.14 -13.55 -11.95
CA GLY A 243 5.07 -14.72 -12.78
C GLY A 243 3.81 -15.60 -12.61
N ASP A 244 2.78 -14.99 -12.02
CA ASP A 244 1.52 -15.71 -11.61
C ASP A 244 0.90 -16.57 -12.68
N TRP A 245 0.96 -16.10 -13.90
CA TRP A 245 0.34 -16.82 -14.99
C TRP A 245 1.01 -18.06 -15.45
N ASN A 246 2.24 -18.29 -14.99
CA ASN A 246 2.94 -19.49 -15.31
C ASN A 246 2.40 -20.68 -14.53
N ILE A 247 1.69 -20.43 -13.43
CA ILE A 247 1.03 -21.53 -12.75
C ILE A 247 -0.28 -21.89 -13.47
N PRO A 248 -0.43 -23.15 -13.89
CA PRO A 248 -1.64 -23.51 -14.60
C PRO A 248 -2.90 -23.27 -13.76
N TRP A 249 -3.95 -22.83 -14.39
CA TRP A 249 -5.21 -22.62 -13.69
C TRP A 249 -5.63 -23.78 -12.79
N ASP A 250 -5.51 -25.03 -13.23
CA ASP A 250 -5.97 -26.12 -12.37
CA ASP A 250 -5.98 -26.12 -12.36
C ASP A 250 -5.22 -26.11 -11.04
N GLN A 251 -3.92 -25.82 -11.08
CA GLN A 251 -3.13 -25.76 -9.87
C GLN A 251 -3.47 -24.48 -9.06
N TRP A 252 -3.57 -23.37 -9.78
CA TRP A 252 -3.90 -22.09 -9.09
C TRP A 252 -5.25 -22.16 -8.36
N ARG A 253 -6.26 -22.68 -9.03
CA ARG A 253 -7.62 -22.74 -8.51
C ARG A 253 -7.69 -23.65 -7.30
N ALA A 254 -6.96 -24.75 -7.33
CA ALA A 254 -6.87 -25.63 -6.16
C ALA A 254 -6.26 -24.90 -4.95
N GLY A 255 -5.39 -23.93 -5.21
CA GLY A 255 -4.85 -23.11 -4.14
C GLY A 255 -3.80 -23.77 -3.29
N ASN A 256 -3.40 -23.05 -2.25
CA ASN A 256 -2.39 -23.55 -1.31
C ASN A 256 -2.70 -23.05 0.11
N ALA A 257 -3.99 -22.95 0.41
CA ALA A 257 -4.44 -22.42 1.74
C ALA A 257 -4.06 -23.38 2.85
N LYS A 258 -3.83 -24.65 2.53
CA LYS A 258 -3.45 -25.59 3.58
C LYS A 258 -1.98 -25.83 3.62
N ALA A 259 -1.20 -25.09 2.82
CA ALA A 259 0.28 -25.24 2.73
C ALA A 259 1.03 -24.06 3.25
N HIS B 1 16.55 -11.18 0.76
CA HIS B 1 16.76 -9.92 1.53
C HIS B 1 16.33 -8.70 0.69
N LEU B 2 15.06 -8.66 0.32
CA LEU B 2 14.46 -7.49 -0.33
C LEU B 2 13.30 -7.01 0.54
N THR B 3 13.03 -5.68 0.57
CA THR B 3 11.91 -5.13 1.31
C THR B 3 11.05 -4.28 0.37
N MET B 4 9.73 -4.41 0.50
CA MET B 4 8.79 -3.67 -0.30
C MET B 4 8.20 -2.55 0.56
N PRO B 5 8.23 -1.32 0.06
CA PRO B 5 7.61 -0.27 0.86
C PRO B 5 6.15 -0.11 0.39
N TYR B 6 5.38 0.57 1.20
CA TYR B 6 4.22 1.23 0.62
C TYR B 6 3.85 2.51 1.33
N VAL B 7 3.18 3.38 0.59
CA VAL B 7 3.01 4.73 0.94
C VAL B 7 1.55 5.06 1.13
N MET B 8 1.26 5.85 2.14
CA MET B 8 -0.04 6.46 2.40
C MET B 8 0.17 7.97 2.57
N PRO B 9 -0.80 8.78 2.19
CA PRO B 9 -2.11 8.34 1.69
C PRO B 9 -2.06 7.83 0.24
N GLY B 10 -3.17 7.23 -0.20
CA GLY B 10 -3.21 6.74 -1.58
C GLY B 10 -3.20 7.82 -2.64
N ASP B 11 -2.76 7.40 -3.82
CA ASP B 11 -2.66 8.28 -4.92
C ASP B 11 -4.03 8.86 -5.30
N GLY B 12 -4.07 10.16 -5.50
CA GLY B 12 -5.30 10.80 -5.89
C GLY B 12 -6.22 11.23 -4.77
N GLU B 13 -5.92 10.88 -3.54
CA GLU B 13 -6.79 11.25 -2.42
C GLU B 13 -6.75 12.70 -2.09
N VAL B 14 -7.86 13.13 -1.49
CA VAL B 14 -7.94 14.36 -0.75
C VAL B 14 -8.05 14.04 0.75
N VAL B 15 -7.09 14.55 1.52
CA VAL B 15 -6.99 14.23 2.94
C VAL B 15 -7.03 15.48 3.77
N GLY B 16 -7.29 15.31 5.06
CA GLY B 16 -7.36 16.44 5.99
C GLY B 16 -5.98 16.99 6.37
N VAL B 17 -6.05 18.12 7.10
CA VAL B 17 -4.88 18.89 7.40
C VAL B 17 -3.91 18.26 8.40
N GLY B 18 -4.37 17.23 9.06
CA GLY B 18 -3.54 16.45 9.95
C GLY B 18 -2.79 15.30 9.33
N GLU B 19 -2.99 14.99 8.07
CA GLU B 19 -2.49 13.71 7.53
C GLU B 19 -1.00 13.71 7.28
N PRO B 20 -0.22 12.87 7.99
CA PRO B 20 1.18 12.75 7.63
C PRO B 20 1.36 11.87 6.37
N VAL B 21 2.48 12.05 5.71
CA VAL B 21 2.98 11.04 4.75
C VAL B 21 3.48 9.84 5.60
N ALA B 22 3.12 8.62 5.23
CA ALA B 22 3.59 7.41 5.89
C ALA B 22 4.21 6.48 4.91
N ILE B 23 5.40 5.92 5.22
CA ILE B 23 6.04 4.95 4.39
C ILE B 23 6.23 3.77 5.28
N ARG B 24 5.62 2.64 4.93
CA ARG B 24 5.72 1.47 5.82
C ARG B 24 6.40 0.37 5.06
N PHE B 25 7.33 -0.32 5.71
CA PHE B 25 8.10 -1.37 5.07
C PHE B 25 7.67 -2.73 5.61
N ASP B 26 7.89 -3.78 4.83
CA ASP B 26 7.50 -5.12 5.30
C ASP B 26 8.58 -5.79 6.13
N GLU B 27 9.72 -5.11 6.29
CA GLU B 27 10.78 -5.61 7.17
C GLU B 27 11.36 -4.46 8.02
N ASN B 28 11.94 -4.78 9.18
CA ASN B 28 12.65 -3.77 10.00
C ASN B 28 13.78 -3.12 9.22
N ILE B 29 13.87 -1.81 9.23
CA ILE B 29 14.84 -1.07 8.48
C ILE B 29 16.04 -0.84 9.39
N ALA B 30 17.19 -1.35 8.99
CA ALA B 30 18.39 -1.25 9.83
C ALA B 30 19.00 0.12 9.76
N ASP B 31 18.91 0.75 8.60
CA ASP B 31 19.55 2.02 8.33
C ASP B 31 18.46 3.00 8.00
N ARG B 32 17.93 3.59 9.05
CA ARG B 32 16.80 4.56 8.87
C ARG B 32 17.20 5.74 8.04
N GLY B 33 18.45 6.23 8.18
CA GLY B 33 18.91 7.38 7.44
C GLY B 33 18.92 7.07 5.97
N ALA B 34 19.29 5.86 5.62
CA ALA B 34 19.26 5.46 4.20
C ALA B 34 17.82 5.51 3.60
N ALA B 35 16.86 5.05 4.37
CA ALA B 35 15.43 5.12 4.01
C ALA B 35 14.99 6.56 3.83
N GLU B 36 15.40 7.41 4.76
CA GLU B 36 14.98 8.83 4.69
C GLU B 36 15.49 9.52 3.45
N LYS B 37 16.78 9.30 3.13
CA LYS B 37 17.42 9.88 1.98
C LYS B 37 16.92 9.31 0.69
N ALA B 38 16.18 8.20 0.72
CA ALA B 38 15.57 7.64 -0.49
C ALA B 38 14.19 8.20 -0.77
N ILE B 39 13.64 8.99 0.14
CA ILE B 39 12.24 9.43 0.02
C ILE B 39 12.16 10.93 -0.26
N LYS B 40 11.61 11.33 -1.43
CA LYS B 40 11.56 12.67 -1.86
C LYS B 40 10.15 13.20 -1.78
N ILE B 41 9.93 14.30 -1.07
CA ILE B 41 8.57 14.85 -0.84
C ILE B 41 8.59 16.26 -1.36
N THR B 42 7.74 16.53 -2.33
CA THR B 42 7.63 17.84 -2.90
C THR B 42 6.25 18.41 -2.53
N THR B 43 6.22 19.64 -2.06
CA THR B 43 4.98 20.29 -1.64
C THR B 43 4.79 21.58 -2.40
N ASN B 44 3.52 21.92 -2.63
CA ASN B 44 3.16 23.16 -3.31
C ASN B 44 1.88 23.70 -2.75
N PRO B 45 1.91 24.81 -2.00
CA PRO B 45 3.10 25.63 -1.68
C PRO B 45 4.14 24.91 -0.86
N PRO B 46 5.43 25.19 -1.08
CA PRO B 46 6.52 24.51 -0.32
C PRO B 46 6.34 24.72 1.18
N VAL B 47 6.48 23.66 1.95
CA VAL B 47 6.53 23.82 3.41
C VAL B 47 7.61 22.88 3.93
N GLU B 48 8.28 23.26 5.00
CA GLU B 48 9.29 22.43 5.64
C GLU B 48 8.56 21.27 6.32
N GLY B 49 9.17 20.09 6.26
CA GLY B 49 8.70 18.96 7.05
C GLY B 49 9.86 18.12 7.44
N ALA B 50 9.60 17.06 8.18
CA ALA B 50 10.70 16.19 8.61
C ALA B 50 10.17 14.82 8.93
N PHE B 51 11.10 13.82 8.96
CA PHE B 51 10.80 12.46 9.26
C PHE B 51 10.91 12.13 10.73
N TYR B 52 10.05 11.22 11.15
CA TYR B 52 10.10 10.61 12.48
C TYR B 52 9.57 9.18 12.40
N TRP B 53 10.22 8.22 13.05
CA TRP B 53 9.86 6.83 12.97
C TRP B 53 8.92 6.48 14.14
N LEU B 54 7.81 5.82 13.81
CA LEU B 54 6.88 5.39 14.83
C LEU B 54 7.30 4.06 15.41
N ASN B 55 8.02 3.32 14.60
CA ASN B 55 8.53 2.01 14.98
C ASN B 55 9.55 1.57 13.93
N ASN B 56 10.02 0.33 13.97
CA ASN B 56 11.07 -0.08 13.05
C ASN B 56 10.75 -0.24 11.59
N ARG B 57 9.43 -0.23 11.28
CA ARG B 57 8.93 -0.47 10.00
C ARG B 57 8.18 0.71 9.40
N GLU B 58 8.00 1.75 10.15
CA GLU B 58 7.15 2.87 9.68
C GLU B 58 7.75 4.24 9.99
N VAL B 59 7.90 5.07 8.95
CA VAL B 59 8.44 6.39 9.12
C VAL B 59 7.29 7.34 8.67
N ARG B 60 7.19 8.44 9.36
CA ARG B 60 6.20 9.52 9.05
C ARG B 60 6.87 10.80 8.68
N TRP B 61 6.23 11.60 7.80
CA TRP B 61 6.76 12.91 7.50
C TRP B 61 5.62 13.91 7.61
N ARG B 62 5.88 15.02 8.25
CA ARG B 62 4.86 16.08 8.35
C ARG B 62 5.50 17.44 8.61
N PRO B 63 4.74 18.52 8.39
CA PRO B 63 5.23 19.80 8.77
C PRO B 63 5.05 20.15 10.29
N GLU B 64 5.58 21.33 10.61
CA GLU B 64 5.48 21.88 12.00
C GLU B 64 4.04 22.10 12.46
N HIS B 65 3.23 22.64 11.54
CA HIS B 65 1.84 22.94 11.71
C HIS B 65 0.98 22.12 10.75
N PHE B 66 -0.31 22.08 11.05
CA PHE B 66 -1.26 21.38 10.22
C PHE B 66 -1.10 21.96 8.78
N TRP B 67 -1.32 21.13 7.79
CA TRP B 67 -1.13 21.53 6.40
C TRP B 67 -2.09 22.65 6.07
N LYS B 68 -1.69 23.47 5.09
CA LYS B 68 -2.57 24.50 4.54
C LYS B 68 -3.50 23.83 3.53
N PRO B 69 -4.79 24.04 3.67
CA PRO B 69 -5.74 23.52 2.65
C PRO B 69 -5.31 23.90 1.18
N GLY B 70 -5.47 22.94 0.27
CA GLY B 70 -5.08 23.08 -1.12
C GLY B 70 -3.65 22.73 -1.44
N THR B 71 -2.83 22.47 -0.44
CA THR B 71 -1.48 22.03 -0.70
C THR B 71 -1.49 20.73 -1.49
N ALA B 72 -0.64 20.66 -2.50
CA ALA B 72 -0.44 19.48 -3.32
C ALA B 72 0.85 18.84 -2.93
N VAL B 73 0.79 17.55 -2.70
CA VAL B 73 1.93 16.81 -2.20
C VAL B 73 2.28 15.65 -3.16
N ASP B 74 3.54 15.60 -3.53
CA ASP B 74 4.11 14.47 -4.29
C ASP B 74 5.15 13.71 -3.48
N VAL B 75 4.96 12.41 -3.37
CA VAL B 75 5.92 11.57 -2.64
C VAL B 75 6.53 10.54 -3.61
N ALA B 76 7.83 10.52 -3.73
CA ALA B 76 8.55 9.52 -4.51
C ALA B 76 9.43 8.69 -3.54
N VAL B 77 9.04 7.44 -3.34
CA VAL B 77 9.77 6.54 -2.47
C VAL B 77 10.71 5.79 -3.41
N ASN B 78 11.91 6.32 -3.54
CA ASN B 78 12.91 5.78 -4.50
C ASN B 78 13.82 4.78 -3.89
N THR B 79 13.23 3.70 -3.42
CA THR B 79 13.94 2.70 -2.65
C THR B 79 14.47 1.52 -3.52
N TYR B 80 14.09 1.44 -4.81
CA TYR B 80 14.58 0.30 -5.62
C TYR B 80 16.12 0.24 -5.57
N GLY B 81 16.62 -0.90 -5.19
CA GLY B 81 18.03 -1.10 -5.18
C GLY B 81 18.81 -0.41 -4.07
N VAL B 82 18.13 0.30 -3.17
CA VAL B 82 18.82 1.02 -2.08
C VAL B 82 19.19 0.04 -0.99
N ASP B 83 20.45 0.16 -0.53
CA ASP B 83 20.89 -0.68 0.58
C ASP B 83 20.33 -0.12 1.93
N LEU B 84 19.43 -0.85 2.54
CA LEU B 84 18.77 -0.34 3.72
C LEU B 84 19.36 -0.94 4.97
N GLY B 85 20.55 -1.52 4.84
CA GLY B 85 21.31 -2.09 5.99
C GLY B 85 21.09 -3.55 6.19
N GLU B 86 22.12 -4.21 6.71
CA GLU B 86 22.07 -5.67 6.95
C GLU B 86 21.82 -6.41 5.65
N GLY B 87 22.33 -5.85 4.55
CA GLY B 87 22.15 -6.44 3.21
C GLY B 87 20.69 -6.52 2.77
N MET B 88 19.85 -5.65 3.35
CA MET B 88 18.45 -5.53 2.94
CA MET B 88 18.46 -5.57 2.91
C MET B 88 18.35 -4.51 1.80
N PHE B 89 17.68 -4.87 0.70
CA PHE B 89 17.58 -3.97 -0.44
C PHE B 89 16.14 -3.62 -0.75
N GLY B 90 15.89 -2.38 -1.15
CA GLY B 90 14.56 -1.99 -1.65
C GLY B 90 14.23 -2.74 -2.91
N GLU B 91 13.02 -3.29 -2.95
CA GLU B 91 12.58 -4.17 -3.99
C GLU B 91 11.95 -3.36 -5.15
N ASP B 92 11.46 -2.15 -4.83
CA ASP B 92 10.65 -1.41 -5.79
C ASP B 92 10.58 0.06 -5.34
N ASN B 93 10.13 0.94 -6.24
CA ASN B 93 9.74 2.29 -5.89
C ASN B 93 8.22 2.35 -5.77
N VAL B 94 7.75 3.25 -4.93
CA VAL B 94 6.32 3.61 -4.94
C VAL B 94 6.22 5.11 -4.93
N GLN B 95 5.07 5.59 -5.36
CA GLN B 95 4.80 7.00 -5.41
C GLN B 95 3.33 7.30 -5.09
N THR B 96 3.09 8.52 -4.63
CA THR B 96 1.73 9.03 -4.43
C THR B 96 1.69 10.52 -4.67
N HIS B 97 0.57 11.00 -5.17
CA HIS B 97 0.25 12.38 -5.24
C HIS B 97 -1.08 12.58 -4.56
N PHE B 98 -1.16 13.56 -3.69
CA PHE B 98 -2.42 13.88 -2.99
C PHE B 98 -2.57 15.34 -2.75
N THR B 99 -3.78 15.72 -2.30
CA THR B 99 -4.12 17.06 -2.03
C THR B 99 -4.72 17.20 -0.62
N ILE B 100 -4.39 18.31 0.01
CA ILE B 100 -4.95 18.68 1.35
C ILE B 100 -6.30 19.35 1.14
N GLY B 101 -7.31 18.77 1.77
CA GLY B 101 -8.61 19.35 1.82
C GLY B 101 -8.88 20.47 2.77
N ASP B 102 -10.17 20.74 2.98
CA ASP B 102 -10.59 21.73 3.96
C ASP B 102 -10.03 21.49 5.35
N GLU B 103 -9.80 22.55 6.10
CA GLU B 103 -9.40 22.43 7.53
C GLU B 103 -10.60 22.03 8.36
N VAL B 104 -10.59 20.82 8.93
CA VAL B 104 -11.69 20.34 9.68
C VAL B 104 -11.08 19.89 10.99
N ILE B 105 -11.41 20.64 12.05
CA ILE B 105 -10.84 20.40 13.39
C ILE B 105 -12.06 20.26 14.32
N ALA B 106 -12.13 19.14 15.02
CA ALA B 106 -13.24 18.88 15.92
C ALA B 106 -12.64 18.84 17.32
N THR B 107 -13.16 19.65 18.22
CA THR B 107 -12.64 19.68 19.59
C THR B 107 -13.67 19.06 20.56
N ALA B 108 -13.24 18.07 21.32
CA ALA B 108 -14.03 17.43 22.37
C ALA B 108 -13.55 17.94 23.72
N ASP B 109 -14.35 18.81 24.33
CA ASP B 109 -14.02 19.49 25.57
C ASP B 109 -14.71 18.80 26.70
N ASP B 110 -13.97 18.18 27.59
CA ASP B 110 -14.56 17.45 28.70
C ASP B 110 -15.19 18.36 29.74
N ASN B 111 -14.85 19.63 29.74
CA ASN B 111 -15.55 20.62 30.63
C ASN B 111 -16.95 20.96 30.17
N THR B 112 -17.17 21.03 28.87
CA THR B 112 -18.52 21.24 28.34
C THR B 112 -19.24 19.97 27.93
N LYS B 113 -18.47 18.90 27.68
CA LYS B 113 -18.94 17.64 27.15
C LYS B 113 -19.64 17.83 25.81
N ILE B 114 -19.08 18.73 25.00
CA ILE B 114 -19.46 18.93 23.60
C ILE B 114 -18.30 18.75 22.69
N LEU B 115 -18.58 18.10 21.55
CA LEU B 115 -17.66 17.91 20.43
C LEU B 115 -18.06 18.90 19.35
N THR B 116 -17.21 19.93 19.10
CA THR B 116 -17.58 21.01 18.19
C THR B 116 -16.73 20.78 16.95
N VAL B 117 -17.39 20.76 15.79
CA VAL B 117 -16.68 20.64 14.52
C VAL B 117 -16.61 21.94 13.80
N ARG B 118 -15.42 22.39 13.56
CA ARG B 118 -15.13 23.67 12.82
C ARG B 118 -14.59 23.32 11.45
N VAL B 119 -15.16 23.94 10.44
CA VAL B 119 -14.65 23.79 9.08
C VAL B 119 -14.15 25.14 8.63
N ASN B 120 -12.85 25.26 8.35
CA ASN B 120 -12.21 26.52 8.07
C ASN B 120 -12.54 27.60 9.09
N GLY B 121 -12.50 27.20 10.34
CA GLY B 121 -12.78 28.05 11.48
C GLY B 121 -14.21 28.27 11.86
N GLU B 122 -15.18 27.82 11.08
CA GLU B 122 -16.56 28.01 11.43
C GLU B 122 -17.23 26.80 12.03
N VAL B 123 -17.95 27.00 13.10
CA VAL B 123 -18.67 25.92 13.70
C VAL B 123 -19.74 25.43 12.76
N VAL B 124 -19.69 24.14 12.45
CA VAL B 124 -20.74 23.55 11.64
C VAL B 124 -21.59 22.56 12.38
N LYS B 125 -21.09 21.96 13.46
CA LYS B 125 -21.82 21.01 14.22
C LYS B 125 -21.37 21.10 15.63
N SER B 126 -22.32 20.91 16.55
CA SER B 126 -22.08 20.80 17.95
C SER B 126 -22.74 19.52 18.42
N MET B 127 -21.97 18.64 19.04
CA MET B 127 -22.51 17.35 19.45
C MET B 127 -22.22 17.04 20.94
N PRO B 128 -23.26 16.79 21.72
CA PRO B 128 -22.97 16.30 23.09
C PRO B 128 -22.23 14.98 23.04
N THR B 129 -21.38 14.75 24.00
CA THR B 129 -20.59 13.59 24.03
C THR B 129 -20.45 13.03 25.44
N SER B 130 -20.20 11.71 25.49
CA SER B 130 -19.84 11.02 26.71
C SER B 130 -18.56 10.31 26.43
N MET B 131 -17.49 10.67 27.14
CA MET B 131 -16.14 10.16 26.94
C MET B 131 -15.81 9.11 28.00
N GLY B 132 -14.54 8.76 28.11
CA GLY B 132 -14.08 7.75 29.06
C GLY B 132 -14.44 8.14 30.49
N LYS B 133 -15.07 7.19 31.22
CA LYS B 133 -15.36 7.39 32.64
C LYS B 133 -14.06 7.64 33.38
N ASP B 134 -14.19 8.20 34.60
CA ASP B 134 -12.99 8.64 35.35
C ASP B 134 -11.95 7.54 35.51
N SER B 135 -12.36 6.27 35.66
CA SER B 135 -11.40 5.17 35.79
C SER B 135 -10.77 4.63 34.51
N THR B 136 -11.35 4.97 33.36
CA THR B 136 -10.80 4.62 32.05
C THR B 136 -10.91 5.87 31.12
N PRO B 137 -10.21 6.95 31.47
CA PRO B 137 -10.53 8.23 30.79
C PRO B 137 -9.95 8.28 29.35
N THR B 138 -10.52 9.15 28.54
CA THR B 138 -10.02 9.41 27.19
C THR B 138 -8.78 10.31 27.39
N ALA B 139 -7.71 10.00 26.71
CA ALA B 139 -6.48 10.79 26.79
C ALA B 139 -6.69 12.09 26.07
N ASN B 140 -6.18 13.18 26.65
CA ASN B 140 -6.19 14.44 25.92
C ASN B 140 -5.20 14.36 24.74
N GLY B 141 -5.35 15.27 23.76
CA GLY B 141 -4.36 15.29 22.74
C GLY B 141 -4.95 15.54 21.36
N ILE B 142 -4.07 15.50 20.39
CA ILE B 142 -4.46 15.71 19.00
C ILE B 142 -4.45 14.32 18.36
N TYR B 143 -5.62 13.98 17.81
CA TYR B 143 -5.88 12.66 17.18
C TYR B 143 -6.09 12.94 15.68
N ILE B 144 -5.52 12.08 14.84
CA ILE B 144 -5.73 12.14 13.37
C ILE B 144 -6.82 11.12 13.00
N VAL B 145 -7.82 11.57 12.22
CA VAL B 145 -8.88 10.72 11.81
C VAL B 145 -8.30 9.66 10.85
N GLY B 146 -8.68 8.40 11.10
CA GLY B 146 -8.27 7.28 10.29
C GLY B 146 -9.44 6.71 9.53
N SER B 147 -9.64 5.43 9.71
CA SER B 147 -10.67 4.70 8.92
C SER B 147 -12.07 4.91 9.47
N ARG B 148 -13.08 4.55 8.67
CA ARG B 148 -14.47 4.73 9.02
C ARG B 148 -15.25 3.45 8.69
N TYR B 149 -16.24 3.17 9.53
CA TYR B 149 -17.02 1.92 9.45
C TYR B 149 -18.48 2.19 9.64
N LYS B 150 -19.30 1.76 8.69
CA LYS B 150 -20.71 1.95 8.81
C LYS B 150 -21.22 1.13 9.97
N HIS B 151 -20.61 -0.01 10.18
CA HIS B 151 -20.96 -0.83 11.28
C HIS B 151 -19.81 -1.72 11.61
N ILE B 152 -19.58 -1.94 12.88
CA ILE B 152 -18.57 -2.88 13.28
C ILE B 152 -18.81 -3.42 14.65
N ILE B 153 -18.26 -4.59 14.89
CA ILE B 153 -18.22 -5.18 16.24
C ILE B 153 -16.96 -4.62 16.83
N MET B 154 -17.10 -3.80 17.86
CA MET B 154 -15.92 -3.26 18.53
C MET B 154 -15.63 -4.24 19.66
N ASP B 155 -14.56 -5.00 19.50
CA ASP B 155 -14.28 -6.11 20.42
C ASP B 155 -12.88 -5.85 20.99
N SER B 156 -12.76 -5.62 22.31
CA SER B 156 -11.50 -5.21 22.88
C SER B 156 -10.54 -6.41 22.77
N SER B 157 -11.04 -7.60 22.47
CA SER B 157 -10.07 -8.73 22.24
C SER B 157 -9.30 -8.58 20.93
N THR B 158 -9.81 -7.78 20.00
CA THR B 158 -9.07 -7.40 18.77
C THR B 158 -7.75 -6.78 19.18
N TYR B 159 -7.79 -5.96 20.24
CA TYR B 159 -6.60 -5.25 20.72
C TYR B 159 -5.96 -6.01 21.87
N GLY B 160 -6.28 -7.30 21.97
CA GLY B 160 -5.72 -8.16 23.00
C GLY B 160 -6.22 -7.95 24.43
N VAL B 161 -7.35 -7.27 24.61
CA VAL B 161 -7.82 -6.95 25.96
C VAL B 161 -9.04 -7.76 26.27
N PRO B 162 -9.07 -8.40 27.48
CA PRO B 162 -10.23 -9.26 27.68
C PRO B 162 -11.49 -8.44 27.76
N VAL B 163 -12.55 -8.90 27.13
CA VAL B 163 -13.83 -8.22 27.24
C VAL B 163 -14.23 -8.05 28.70
N ASN B 164 -13.98 -9.06 29.56
CA ASN B 164 -14.41 -8.89 30.97
C ASN B 164 -13.36 -8.30 31.93
N SER B 165 -12.81 -7.14 31.59
CA SER B 165 -11.97 -6.40 32.50
C SER B 165 -12.46 -4.96 32.55
N PRO B 166 -12.03 -4.19 33.57
CA PRO B 166 -12.58 -2.81 33.60
C PRO B 166 -12.42 -1.96 32.34
N ASN B 167 -11.44 -2.28 31.50
CA ASN B 167 -11.22 -1.53 30.27
C ASN B 167 -11.80 -2.23 29.09
N GLY B 168 -12.41 -3.40 29.29
CA GLY B 168 -12.83 -4.28 28.19
C GLY B 168 -14.26 -4.14 27.70
N TYR B 169 -14.55 -4.59 26.48
CA TYR B 169 -15.87 -4.42 25.91
C TYR B 169 -16.04 -5.23 24.65
N ARG B 170 -17.27 -5.45 24.26
CA ARG B 170 -17.62 -6.10 22.98
C ARG B 170 -19.05 -5.69 22.59
N THR B 171 -19.17 -4.85 21.57
CA THR B 171 -20.42 -4.18 21.25
C THR B 171 -20.50 -3.93 19.75
N ASP B 172 -21.67 -4.18 19.17
CA ASP B 172 -21.96 -3.88 17.74
C ASP B 172 -22.25 -2.38 17.74
N VAL B 173 -21.53 -1.58 16.93
CA VAL B 173 -21.80 -0.15 16.89
C VAL B 173 -21.94 0.36 15.48
N ASP B 174 -22.69 1.42 15.33
CA ASP B 174 -22.86 2.02 14.05
C ASP B 174 -22.00 3.29 13.92
N TRP B 175 -21.61 3.61 12.69
CA TRP B 175 -21.10 4.95 12.28
C TRP B 175 -19.87 5.27 13.11
N ALA B 176 -18.89 4.40 13.01
CA ALA B 176 -17.71 4.47 13.80
C ALA B 176 -16.57 5.09 13.00
N THR B 177 -15.97 6.16 13.53
CA THR B 177 -14.80 6.81 12.95
C THR B 177 -13.57 6.62 13.87
N GLN B 178 -12.56 5.95 13.34
CA GLN B 178 -11.38 5.67 14.13
C GLN B 178 -10.54 6.89 14.32
N ILE B 179 -10.11 7.16 15.55
CA ILE B 179 -9.16 8.29 15.74
C ILE B 179 -7.86 7.89 16.43
N SER B 180 -7.75 6.63 16.85
CA SER B 180 -6.43 6.14 17.34
C SER B 180 -6.27 4.67 17.03
N TYR B 181 -5.01 4.24 16.93
CA TYR B 181 -4.74 2.82 16.63
C TYR B 181 -5.00 1.98 17.88
N SER B 182 -4.98 2.63 19.04
CA SER B 182 -5.35 2.00 20.30
C SER B 182 -6.81 1.67 20.40
N GLY B 183 -7.64 2.15 19.47
CA GLY B 183 -9.05 1.79 19.41
C GLY B 183 -10.03 2.83 19.87
N VAL B 184 -9.64 4.13 19.88
CA VAL B 184 -10.55 5.19 20.23
C VAL B 184 -11.30 5.56 18.96
N PHE B 185 -12.62 5.56 19.07
CA PHE B 185 -13.53 5.92 17.99
C PHE B 185 -14.47 7.00 18.42
N VAL B 186 -14.99 7.75 17.44
CA VAL B 186 -16.22 8.54 17.58
C VAL B 186 -17.27 7.60 17.01
N HIS B 187 -18.29 7.27 17.76
CA HIS B 187 -19.35 6.35 17.26
C HIS B 187 -20.69 6.58 17.85
N SER B 188 -21.71 5.92 17.29
CA SER B 188 -23.06 6.06 17.76
C SER B 188 -23.21 5.24 19.05
N ALA B 189 -23.90 5.82 20.03
CA ALA B 189 -24.07 5.19 21.34
C ALA B 189 -25.45 5.51 21.90
N PRO B 190 -26.47 4.83 21.31
CA PRO B 190 -27.85 5.11 21.78
C PRO B 190 -28.04 4.94 23.29
N TRP B 191 -27.30 4.03 23.89
CA TRP B 191 -27.44 3.73 25.33
C TRP B 191 -26.95 4.86 26.24
N SER B 192 -26.13 5.79 25.73
CA SER B 192 -25.61 6.87 26.57
C SER B 192 -26.12 8.24 26.14
N VAL B 193 -27.15 8.33 25.30
CA VAL B 193 -27.66 9.62 24.89
C VAL B 193 -28.08 10.47 26.08
N GLY B 194 -28.67 9.88 27.12
CA GLY B 194 -28.95 10.67 28.31
C GLY B 194 -27.76 11.26 29.02
N ALA B 195 -26.65 10.51 29.03
CA ALA B 195 -25.41 10.98 29.65
C ALA B 195 -24.57 11.92 28.79
N GLN B 196 -24.75 11.88 27.47
CA GLN B 196 -23.94 12.72 26.57
C GLN B 196 -24.23 14.18 26.93
N GLY B 197 -23.18 14.98 27.09
CA GLY B 197 -23.33 16.38 27.50
C GLY B 197 -23.28 16.53 29.00
N HIS B 198 -23.28 15.40 29.72
CA HIS B 198 -23.42 15.45 31.20
C HIS B 198 -22.44 14.62 31.94
N THR B 199 -22.29 13.34 31.61
CA THR B 199 -21.38 12.47 32.32
C THR B 199 -20.61 11.56 31.37
N ASN B 200 -19.44 11.14 31.81
CA ASN B 200 -18.59 10.24 31.03
C ASN B 200 -18.81 8.80 31.44
N THR B 201 -19.13 7.97 30.50
CA THR B 201 -19.54 6.56 30.76
C THR B 201 -18.78 5.55 29.97
N SER B 202 -17.91 5.92 29.01
CA SER B 202 -17.33 4.95 28.09
C SER B 202 -16.03 4.38 28.56
N HIS B 203 -15.48 3.51 27.72
CA HIS B 203 -14.15 2.89 27.94
C HIS B 203 -13.01 3.77 27.41
N GLY B 204 -13.38 4.89 26.78
CA GLY B 204 -12.43 5.73 26.14
C GLY B 204 -12.88 6.34 24.85
N CYS B 205 -13.86 5.70 24.22
CA CYS B 205 -14.41 6.22 22.97
C CYS B 205 -15.23 7.47 23.25
N LEU B 206 -15.45 8.23 22.18
CA LEU B 206 -16.31 9.39 22.18
C LEU B 206 -17.68 8.97 21.69
N ASN B 207 -18.56 8.75 22.66
CA ASN B 207 -19.94 8.39 22.38
C ASN B 207 -20.71 9.66 21.98
N VAL B 208 -21.41 9.61 20.87
CA VAL B 208 -22.33 10.65 20.50
C VAL B 208 -23.66 9.98 20.06
N SER B 209 -24.62 10.80 19.72
CA SER B 209 -25.95 10.30 19.28
C SER B 209 -25.82 9.58 17.89
N PRO B 210 -26.80 8.72 17.58
CA PRO B 210 -26.77 8.09 16.29
C PRO B 210 -26.71 9.08 15.13
N SER B 211 -27.48 10.13 15.20
CA SER B 211 -27.52 11.07 14.13
C SER B 211 -26.20 11.83 13.99
N ASN B 212 -25.61 12.18 15.14
CA ASN B 212 -24.33 12.86 15.16
C ASN B 212 -23.18 11.97 14.67
N ALA B 213 -23.22 10.69 15.05
CA ALA B 213 -22.22 9.75 14.59
C ALA B 213 -22.21 9.54 13.08
N GLN B 214 -23.42 9.47 12.54
CA GLN B 214 -23.59 9.34 11.11
C GLN B 214 -23.09 10.60 10.43
N TRP B 215 -23.45 11.74 10.96
CA TRP B 215 -22.92 13.00 10.43
C TRP B 215 -21.42 13.00 10.39
N PHE B 216 -20.80 12.51 11.48
CA PHE B 216 -19.38 12.52 11.59
C PHE B 216 -18.73 11.59 10.54
N TYR B 217 -19.29 10.38 10.46
CA TYR B 217 -18.94 9.34 9.45
C TYR B 217 -19.03 9.95 8.06
N ASP B 218 -20.13 10.66 7.80
CA ASP B 218 -20.32 11.24 6.50
C ASP B 218 -19.41 12.39 6.10
N HIS B 219 -19.01 13.25 7.04
CA HIS B 219 -18.40 14.54 6.72
C HIS B 219 -16.94 14.66 7.09
N VAL B 220 -16.43 13.81 7.96
CA VAL B 220 -15.03 13.92 8.42
C VAL B 220 -14.25 12.86 7.68
N LYS B 221 -13.12 13.25 7.10
CA LYS B 221 -12.33 12.35 6.25
C LYS B 221 -11.00 12.00 6.91
N ARG B 222 -10.35 11.03 6.31
CA ARG B 222 -8.97 10.66 6.73
C ARG B 222 -8.09 11.87 6.78
N GLY B 223 -7.42 12.09 7.88
CA GLY B 223 -6.51 13.22 7.98
C GLY B 223 -7.08 14.44 8.68
N ASP B 224 -8.38 14.50 8.84
CA ASP B 224 -9.02 15.57 9.68
C ASP B 224 -8.56 15.40 11.13
N ILE B 225 -8.81 16.39 11.97
CA ILE B 225 -8.29 16.38 13.31
C ILE B 225 -9.41 16.39 14.36
N VAL B 226 -9.25 15.57 15.41
CA VAL B 226 -10.02 15.64 16.65
C VAL B 226 -9.03 16.01 17.76
N GLU B 227 -9.33 17.09 18.51
CA GLU B 227 -8.56 17.42 19.70
C GLU B 227 -9.39 17.16 20.93
N VAL B 228 -8.83 16.38 21.85
CA VAL B 228 -9.50 16.12 23.12
C VAL B 228 -8.82 17.02 24.15
N VAL B 229 -9.60 17.81 24.90
CA VAL B 229 -9.09 18.71 25.90
C VAL B 229 -9.86 18.57 27.21
N ASN B 230 -9.11 18.87 28.28
CA ASN B 230 -9.62 18.94 29.65
C ASN B 230 -10.13 17.64 30.32
N THR B 231 -9.82 16.48 29.78
CA THR B 231 -10.16 15.25 30.46
C THR B 231 -9.23 15.06 31.64
N VAL B 232 -9.57 14.06 32.49
CA VAL B 232 -8.68 13.63 33.55
C VAL B 232 -7.66 12.61 33.13
N GLY B 233 -7.57 12.36 31.83
CA GLY B 233 -6.64 11.39 31.33
C GLY B 233 -5.24 11.91 31.11
N GLY B 234 -4.43 11.07 30.52
CA GLY B 234 -3.03 11.40 30.17
C GLY B 234 -3.03 12.01 28.78
N THR B 235 -1.95 11.77 28.06
CA THR B 235 -1.79 12.29 26.68
C THR B 235 -1.63 11.15 25.71
N LEU B 236 -2.31 11.28 24.56
CA LEU B 236 -2.24 10.29 23.52
C LEU B 236 -0.78 10.15 23.14
N PRO B 237 -0.25 8.92 23.13
CA PRO B 237 1.16 8.77 22.71
C PRO B 237 1.44 9.28 21.28
N GLY B 238 2.54 9.97 21.09
CA GLY B 238 3.03 10.36 19.75
C GLY B 238 3.17 9.27 18.77
N ILE B 239 3.51 8.08 19.26
CA ILE B 239 3.74 6.90 18.40
C ILE B 239 2.59 5.93 18.37
N ASP B 240 1.38 6.42 18.72
CA ASP B 240 0.14 5.58 18.58
C ASP B 240 -0.03 5.01 17.24
N GLY B 241 0.17 5.85 16.22
CA GLY B 241 -0.21 5.52 14.87
C GLY B 241 -1.04 6.67 14.29
N LEU B 242 -1.82 7.29 15.15
CA LEU B 242 -2.60 8.53 14.77
C LEU B 242 -2.32 9.69 15.74
N GLY B 243 -1.25 9.56 16.54
CA GLY B 243 -0.92 10.54 17.55
C GLY B 243 0.24 11.44 17.22
N ASP B 244 0.64 11.46 15.94
CA ASP B 244 1.88 12.17 15.52
C ASP B 244 2.03 13.55 16.06
N TRP B 245 0.94 14.30 16.09
CA TRP B 245 1.00 15.71 16.42
C TRP B 245 1.24 15.99 17.89
N ASN B 246 1.16 14.96 18.73
CA ASN B 246 1.47 15.14 20.15
C ASN B 246 2.94 15.27 20.41
N ILE B 247 3.77 14.95 19.41
CA ILE B 247 5.24 15.12 19.57
C ILE B 247 5.57 16.53 19.19
N PRO B 248 6.13 17.33 20.12
CA PRO B 248 6.41 18.70 19.73
C PRO B 248 7.37 18.78 18.53
N TRP B 249 7.21 19.83 17.72
CA TRP B 249 8.00 19.97 16.53
C TRP B 249 9.49 19.90 16.74
N ASP B 250 10.01 20.50 17.81
CA ASP B 250 11.48 20.40 18.02
C ASP B 250 11.97 18.98 18.12
N GLN B 251 11.23 18.12 18.80
CA GLN B 251 11.57 16.74 18.90
C GLN B 251 11.33 15.98 17.61
N TRP B 252 10.19 16.27 16.92
CA TRP B 252 9.86 15.56 15.67
C TRP B 252 10.94 15.86 14.64
N ARG B 253 11.24 17.12 14.51
CA ARG B 253 12.24 17.60 13.54
C ARG B 253 13.61 17.00 13.80
N ALA B 254 14.04 16.90 15.07
CA ALA B 254 15.30 16.25 15.35
C ALA B 254 15.34 14.78 14.86
N GLY B 255 14.19 14.11 14.82
CA GLY B 255 14.08 12.80 14.33
C GLY B 255 14.63 11.75 15.29
N ASN B 256 14.59 10.55 14.78
CA ASN B 256 15.08 9.41 15.55
C ASN B 256 15.74 8.40 14.62
N ALA B 257 16.47 8.88 13.62
CA ALA B 257 17.12 7.98 12.66
C ALA B 257 18.24 7.19 13.27
N LYS B 258 18.80 7.66 14.38
CA LYS B 258 19.96 7.02 14.94
C LYS B 258 19.54 5.85 15.77
N ALA B 259 18.24 5.71 16.02
CA ALA B 259 17.75 4.57 16.75
C ALA B 259 17.19 3.47 15.86
#